data_4RDL
#
_entry.id   4RDL
#
_cell.length_a   140.390
_cell.length_b   140.390
_cell.length_c   65.020
_cell.angle_alpha   90.00
_cell.angle_beta   90.00
_cell.angle_gamma   120.00
#
_symmetry.space_group_name_H-M   'P 61'
#
loop_
_entity.id
_entity.type
_entity.pdbx_description
1 polymer Capsid
2 branched alpha-L-fucopyranose-(1-2)-beta-D-galactopyranose-(1-4)-[alpha-L-fucopyranose-(1-3)]2-acetamido-2-deoxy-alpha-D-glucopyranose
3 water water
#
_entity_poly.entity_id   1
_entity_poly.type   'polypeptide(L)'
_entity_poly.pdbx_seq_one_letter_code
;GPLGSPEFQRTKPFSVPNIPMNLMSNSRVPMLIDGMMVSNDQNQVPQFQNGRVTLDGQLQGTTTVSAACIARMRGRIFNN
NGNYGVNLAELDGNPYHAFDSPAPLGFPDFGNCDLHMTFVKINPTELSTGDPSGKVVIHSYDATFAPHLGTVKLEDNNEL
DQFVGKEVVLELTWVSNRTGATLNLWAVPNYGSNLTQASQLAPPIYPPGFGEAIVYFTSTFPTVSNPKVPCTLPQEFVSH
FVNEQAPTRGDAALLHYVDPDTHRNLGEFKMYPEGYMTCVPNAGGGPQTLPINGVFVFISWVSRYYQL
;
_entity_poly.pdbx_strand_id   A,B
#
# COMPACT_ATOMS: atom_id res chain seq x y z
N LYS A 12 14.67 -21.31 -11.89
CA LYS A 12 13.36 -21.06 -11.30
C LYS A 12 12.34 -20.68 -12.36
N PRO A 13 11.20 -21.40 -12.40
CA PRO A 13 10.13 -21.13 -13.36
C PRO A 13 9.47 -19.78 -13.13
N PHE A 14 9.23 -19.06 -14.22
CA PHE A 14 8.51 -17.79 -14.17
C PHE A 14 7.05 -18.02 -13.77
N SER A 15 6.46 -17.03 -13.12
CA SER A 15 5.05 -17.07 -12.76
C SER A 15 4.58 -15.66 -12.50
N VAL A 16 3.26 -15.47 -12.50
CA VAL A 16 2.68 -14.20 -12.08
C VAL A 16 1.79 -14.46 -10.87
N PRO A 17 1.44 -13.41 -10.12
CA PRO A 17 0.61 -13.66 -8.93
C PRO A 17 -0.70 -14.37 -9.25
N ASN A 18 -1.04 -15.29 -8.35
CA ASN A 18 -2.30 -16.01 -8.30
C ASN A 18 -3.24 -15.25 -7.37
N ILE A 19 -3.48 -13.99 -7.71
CA ILE A 19 -4.37 -13.10 -7.00
C ILE A 19 -5.31 -12.44 -8.01
N PRO A 20 -6.62 -12.41 -7.70
CA PRO A 20 -7.54 -11.72 -8.63
C PRO A 20 -7.15 -10.27 -8.86
N MET A 21 -7.35 -9.82 -10.09
CA MET A 21 -6.89 -8.49 -10.50
C MET A 21 -7.42 -7.40 -9.58
N ASN A 22 -8.69 -7.51 -9.19
CA ASN A 22 -9.35 -6.48 -8.40
C ASN A 22 -9.00 -6.48 -6.91
N LEU A 23 -8.09 -7.37 -6.52
CA LEU A 23 -7.50 -7.34 -5.17
C LEU A 23 -6.10 -6.74 -5.16
N MET A 24 -5.56 -6.45 -6.33
CA MET A 24 -4.22 -5.88 -6.41
C MET A 24 -4.27 -4.36 -6.55
N SER A 25 -3.14 -3.71 -6.23
CA SER A 25 -3.05 -2.27 -6.29
C SER A 25 -2.52 -1.74 -7.61
N ASN A 26 -2.99 -0.56 -7.99
CA ASN A 26 -2.34 0.25 -9.01
C ASN A 26 -0.88 0.46 -8.57
N SER A 27 0.03 0.64 -9.52
CA SER A 27 1.43 0.91 -9.16
C SER A 27 1.79 2.40 -9.15
N ARG A 28 0.86 3.26 -9.55
CA ARG A 28 1.11 4.71 -9.55
C ARG A 28 0.36 5.48 -8.47
N VAL A 29 -0.72 4.90 -7.96
CA VAL A 29 -1.41 5.39 -6.76
C VAL A 29 -1.77 4.16 -5.92
N PRO A 30 -1.86 4.31 -4.60
CA PRO A 30 -2.24 3.17 -3.76
C PRO A 30 -3.76 3.01 -3.74
N MET A 31 -4.28 2.36 -4.78
CA MET A 31 -5.71 2.15 -4.96
C MET A 31 -5.89 0.80 -5.62
N LEU A 32 -6.94 0.09 -5.23
CA LEU A 32 -7.28 -1.15 -5.91
C LEU A 32 -7.46 -0.92 -7.41
N ILE A 33 -7.05 -1.91 -8.19
CA ILE A 33 -7.34 -1.93 -9.62
C ILE A 33 -8.83 -2.20 -9.84
N ASP A 34 -9.46 -1.38 -10.68
CA ASP A 34 -10.89 -1.58 -10.99
C ASP A 34 -11.17 -1.86 -12.47
N GLY A 35 -10.11 -2.11 -13.23
CA GLY A 35 -10.28 -2.46 -14.63
C GLY A 35 -8.98 -2.52 -15.38
N MET A 36 -9.09 -2.89 -16.65
CA MET A 36 -7.99 -2.74 -17.58
C MET A 36 -8.53 -2.29 -18.92
N MET A 37 -7.67 -1.65 -19.70
CA MET A 37 -8.09 -1.06 -20.96
C MET A 37 -6.87 -0.81 -21.83
N VAL A 38 -7.06 -0.75 -23.15
CA VAL A 38 -6.04 -0.19 -24.01
C VAL A 38 -6.36 1.30 -24.17
N SER A 39 -5.36 2.08 -24.57
CA SER A 39 -5.58 3.50 -24.78
C SER A 39 -6.32 3.73 -26.09
N ASN A 40 -7.14 4.77 -26.13
CA ASN A 40 -7.69 5.25 -27.39
C ASN A 40 -6.66 5.98 -28.24
N ASP A 41 -5.73 6.68 -27.60
CA ASP A 41 -4.63 7.32 -28.32
C ASP A 41 -3.42 6.40 -28.33
N GLN A 42 -3.32 5.57 -29.36
CA GLN A 42 -2.21 4.63 -29.47
C GLN A 42 -0.86 5.34 -29.61
N ASN A 43 -0.91 6.63 -29.90
CA ASN A 43 0.30 7.43 -30.06
C ASN A 43 0.87 7.97 -28.76
N GLN A 44 0.06 8.00 -27.71
CA GLN A 44 0.55 8.49 -26.41
C GLN A 44 1.37 7.40 -25.72
N VAL A 45 2.66 7.68 -25.58
CA VAL A 45 3.63 6.70 -25.13
C VAL A 45 3.73 6.69 -23.62
N PRO A 46 3.54 5.51 -22.99
CA PRO A 46 3.74 5.46 -21.55
C PRO A 46 5.23 5.42 -21.19
N GLN A 47 5.62 6.23 -20.22
CA GLN A 47 6.97 6.17 -19.67
C GLN A 47 6.86 6.39 -18.18
N PHE A 48 5.95 5.64 -17.56
CA PHE A 48 5.75 5.73 -16.12
C PHE A 48 7.05 5.38 -15.42
N GLN A 49 7.28 5.96 -14.25
CA GLN A 49 8.49 5.66 -13.49
C GLN A 49 8.20 4.73 -12.32
N ASN A 50 6.93 4.66 -11.93
CA ASN A 50 6.47 3.68 -10.96
C ASN A 50 5.82 2.49 -11.67
N GLY A 51 5.77 1.35 -10.99
CA GLY A 51 5.31 0.11 -11.58
C GLY A 51 6.22 -0.44 -12.65
N ARG A 52 7.50 -0.06 -12.64
CA ARG A 52 8.45 -0.48 -13.66
C ARG A 52 9.44 -1.50 -13.12
N VAL A 53 9.49 -2.66 -13.78
CA VAL A 53 10.35 -3.78 -13.39
C VAL A 53 10.45 -4.73 -14.59
N THR A 54 11.60 -5.37 -14.74
CA THR A 54 11.72 -6.41 -15.76
C THR A 54 11.05 -7.69 -15.27
N LEU A 55 10.74 -8.60 -16.19
CA LEU A 55 10.15 -9.87 -15.79
C LEU A 55 11.07 -10.69 -14.89
N ASP A 56 12.38 -10.46 -15.01
CA ASP A 56 13.32 -11.16 -14.14
C ASP A 56 13.64 -10.43 -12.83
N GLY A 57 12.86 -9.39 -12.52
CA GLY A 57 12.88 -8.79 -11.19
C GLY A 57 13.82 -7.61 -10.95
N GLN A 58 14.22 -6.91 -12.02
CA GLN A 58 15.07 -5.72 -11.89
C GLN A 58 14.22 -4.46 -11.85
N LEU A 59 14.19 -3.79 -10.70
CA LEU A 59 13.42 -2.56 -10.54
C LEU A 59 13.98 -1.45 -11.42
N GLN A 60 13.07 -0.62 -11.94
CA GLN A 60 13.46 0.53 -12.77
C GLN A 60 12.80 1.81 -12.31
N GLY A 61 13.33 2.94 -12.77
CA GLY A 61 12.77 4.24 -12.45
C GLY A 61 12.76 4.51 -10.96
N THR A 62 11.61 4.92 -10.45
CA THR A 62 11.44 5.16 -9.02
C THR A 62 10.69 4.01 -8.34
N THR A 63 10.61 2.88 -9.02
CA THR A 63 9.81 1.78 -8.52
C THR A 63 10.45 1.03 -7.36
N THR A 64 9.65 0.74 -6.35
CA THR A 64 10.11 -0.11 -5.26
C THR A 64 9.11 -1.24 -5.00
N VAL A 65 9.29 -1.94 -3.89
CA VAL A 65 8.59 -3.20 -3.67
C VAL A 65 7.19 -3.05 -3.10
N SER A 66 7.04 -2.24 -2.06
CA SER A 66 5.78 -2.18 -1.33
C SER A 66 4.81 -1.12 -1.84
N ALA A 67 3.52 -1.49 -1.91
CA ALA A 67 2.48 -0.52 -2.25
C ALA A 67 2.40 0.60 -1.23
N ALA A 68 2.92 0.36 -0.02
CA ALA A 68 2.96 1.41 1.00
C ALA A 68 3.84 2.59 0.63
N CYS A 69 4.66 2.45 -0.42
CA CYS A 69 5.54 3.53 -0.82
C CYS A 69 5.01 4.38 -1.98
N ILE A 70 3.93 3.92 -2.62
CA ILE A 70 3.51 4.55 -3.86
C ILE A 70 3.00 5.97 -3.69
N ALA A 71 3.58 6.89 -4.47
CA ALA A 71 3.15 8.28 -4.53
C ALA A 71 3.33 9.01 -3.21
N ARG A 72 4.39 8.67 -2.50
CA ARG A 72 4.75 9.34 -1.25
C ARG A 72 6.09 10.03 -1.39
N MET A 73 6.35 10.95 -0.46
CA MET A 73 7.63 11.65 -0.35
C MET A 73 8.03 11.72 1.11
N ARG A 74 9.30 11.98 1.34
CA ARG A 74 9.80 12.24 2.69
C ARG A 74 10.89 13.28 2.61
N GLY A 75 10.96 14.14 3.62
CA GLY A 75 12.11 15.01 3.75
C GLY A 75 11.90 16.12 4.75
N ARG A 76 12.82 17.07 4.74
CA ARG A 76 12.80 18.16 5.71
C ARG A 76 12.31 19.42 5.05
N ILE A 77 11.31 20.05 5.65
CA ILE A 77 10.78 21.29 5.10
C ILE A 77 11.74 22.44 5.40
N PHE A 78 11.98 23.26 4.38
CA PHE A 78 12.85 24.43 4.53
C PHE A 78 12.17 25.70 4.05
N ASN A 79 12.77 26.83 4.43
CA ASN A 79 12.34 28.13 3.98
C ASN A 79 13.59 28.92 3.68
N ASN A 80 13.77 29.27 2.42
CA ASN A 80 14.96 29.99 2.00
C ASN A 80 14.65 30.95 0.87
N ASN A 81 15.16 32.17 0.99
CA ASN A 81 15.01 33.16 -0.06
C ASN A 81 13.54 33.40 -0.41
N GLY A 82 12.68 33.38 0.61
CA GLY A 82 11.28 33.70 0.44
C GLY A 82 10.40 32.58 -0.08
N ASN A 83 10.92 31.36 -0.11
CA ASN A 83 10.18 30.23 -0.64
C ASN A 83 10.38 28.97 0.18
N TYR A 84 9.32 28.17 0.27
CA TYR A 84 9.35 26.92 1.02
C TYR A 84 9.69 25.75 0.10
N GLY A 85 10.18 24.68 0.69
CA GLY A 85 10.49 23.49 -0.07
C GLY A 85 10.71 22.29 0.82
N VAL A 86 11.01 21.17 0.19
CA VAL A 86 11.42 19.97 0.92
C VAL A 86 12.77 19.48 0.40
N ASN A 87 13.69 19.20 1.33
CA ASN A 87 14.90 18.45 1.04
C ASN A 87 14.57 16.97 1.14
N LEU A 88 14.59 16.28 0.02
CA LEU A 88 14.09 14.91 -0.06
C LEU A 88 15.02 13.85 0.50
N ALA A 89 14.41 12.81 1.04
CA ALA A 89 15.09 11.60 1.46
C ALA A 89 14.30 10.39 0.95
N GLU A 90 14.85 9.20 1.11
CA GLU A 90 14.05 7.99 0.86
C GLU A 90 12.99 7.87 1.95
N LEU A 91 11.94 7.10 1.68
CA LEU A 91 10.80 7.02 2.60
C LEU A 91 11.14 6.44 3.97
N ASP A 92 12.23 5.67 4.07
CA ASP A 92 12.65 5.14 5.36
C ASP A 92 13.52 6.12 6.15
N GLY A 93 13.77 7.29 5.57
CA GLY A 93 14.56 8.31 6.23
C GLY A 93 16.04 8.29 5.90
N ASN A 94 16.48 7.23 5.24
CA ASN A 94 17.84 7.17 4.72
C ASN A 94 18.00 8.13 3.55
N PRO A 95 19.23 8.55 3.26
CA PRO A 95 19.43 9.62 2.28
C PRO A 95 19.07 9.21 0.87
N TYR A 96 18.53 10.17 0.11
CA TYR A 96 18.35 9.99 -1.31
C TYR A 96 19.67 10.29 -1.96
N HIS A 97 20.15 9.34 -2.76
CA HIS A 97 21.39 9.53 -3.48
C HIS A 97 21.10 10.33 -4.73
N ALA A 98 21.24 11.66 -4.59
CA ALA A 98 20.95 12.57 -5.68
C ALA A 98 21.73 12.19 -6.94
N PHE A 99 21.10 12.40 -8.09
CA PHE A 99 21.71 12.08 -9.38
C PHE A 99 21.90 10.58 -9.64
N ASP A 100 21.21 9.72 -8.91
CA ASP A 100 21.45 8.26 -8.99
C ASP A 100 20.24 7.37 -9.30
N SER A 101 19.04 7.87 -9.06
CA SER A 101 17.81 7.35 -9.66
C SER A 101 16.98 8.60 -9.89
N PRO A 102 15.87 8.54 -10.65
CA PRO A 102 15.30 9.83 -11.05
C PRO A 102 14.84 10.68 -9.86
N ALA A 103 14.40 10.01 -8.80
CA ALA A 103 13.92 10.68 -7.60
C ALA A 103 13.88 9.59 -6.54
N PRO A 104 13.59 9.97 -5.28
CA PRO A 104 13.47 8.91 -4.27
C PRO A 104 12.44 7.86 -4.68
N LEU A 105 12.64 6.62 -4.24
CA LEU A 105 11.72 5.55 -4.61
C LEU A 105 10.30 5.87 -4.15
N GLY A 106 9.32 5.56 -4.99
CA GLY A 106 7.91 5.80 -4.69
C GLY A 106 7.42 7.20 -5.06
N PHE A 107 8.34 8.11 -5.37
CA PHE A 107 7.98 9.50 -5.67
C PHE A 107 6.89 9.55 -6.75
N PRO A 108 5.87 10.41 -6.58
CA PRO A 108 4.81 10.49 -7.60
C PRO A 108 5.37 10.70 -9.00
N ASP A 109 4.83 9.98 -9.98
CA ASP A 109 5.28 10.16 -11.37
C ASP A 109 4.26 10.87 -12.25
N PHE A 110 3.50 11.77 -11.63
CA PHE A 110 2.59 12.65 -12.35
C PHE A 110 3.27 13.96 -12.64
N GLY A 111 3.41 14.27 -13.93
CA GLY A 111 4.17 15.43 -14.37
C GLY A 111 3.32 16.58 -14.83
N ASN A 112 3.87 17.79 -14.69
CA ASN A 112 3.25 19.01 -15.18
C ASN A 112 1.89 19.29 -14.57
N CYS A 113 1.73 18.98 -13.28
CA CYS A 113 0.46 19.16 -12.61
C CYS A 113 0.64 19.54 -11.15
N ASP A 114 -0.48 19.76 -10.46
CA ASP A 114 -0.46 20.16 -9.07
C ASP A 114 -0.72 18.96 -8.19
N LEU A 115 0.28 18.61 -7.38
CA LEU A 115 0.19 17.52 -6.43
C LEU A 115 -0.29 18.05 -5.09
N HIS A 116 -1.48 17.64 -4.68
CA HIS A 116 -2.03 18.08 -3.40
C HIS A 116 -1.69 17.02 -2.37
N MET A 117 -0.75 17.37 -1.50
CA MET A 117 -0.18 16.41 -0.55
C MET A 117 -0.75 16.61 0.84
N THR A 118 -0.91 15.51 1.55
CA THR A 118 -1.16 15.56 2.97
C THR A 118 0.13 15.10 3.65
N PHE A 119 0.50 15.71 4.76
CA PHE A 119 1.74 15.29 5.41
C PHE A 119 1.64 15.25 6.92
N VAL A 120 2.58 14.51 7.52
CA VAL A 120 2.71 14.44 8.96
C VAL A 120 4.17 14.51 9.35
N LYS A 121 4.45 15.15 10.49
CA LYS A 121 5.78 15.04 11.08
C LYS A 121 6.07 13.57 11.40
N ILE A 122 7.32 13.16 11.22
CA ILE A 122 7.66 11.74 11.35
C ILE A 122 8.76 11.44 12.39
N ASN A 123 9.39 12.48 12.94
CA ASN A 123 10.33 12.29 14.03
C ASN A 123 9.55 11.95 15.31
N PRO A 124 9.89 10.82 15.96
CA PRO A 124 9.14 10.45 17.16
C PRO A 124 9.13 11.55 18.23
N THR A 125 10.17 12.36 18.32
CA THR A 125 10.19 13.41 19.34
C THR A 125 9.18 14.53 19.04
N GLU A 126 8.68 14.54 17.80
CA GLU A 126 7.68 15.52 17.38
C GLU A 126 6.29 14.92 17.43
N LEU A 127 6.18 13.71 17.96
CA LEU A 127 4.93 12.96 17.96
C LEU A 127 4.48 12.55 19.37
N SER A 128 4.82 13.36 20.38
CA SER A 128 4.37 13.07 21.74
C SER A 128 3.05 13.75 22.07
N THR A 129 2.79 14.87 21.40
CA THR A 129 1.62 15.69 21.68
C THR A 129 1.29 16.56 20.48
N GLY A 130 0.02 16.92 20.35
CA GLY A 130 -0.40 17.88 19.34
C GLY A 130 -0.67 17.29 17.97
N ASP A 131 -1.18 18.13 17.08
CA ASP A 131 -1.52 17.74 15.71
C ASP A 131 -0.27 17.82 14.84
N PRO A 132 0.20 16.66 14.33
CA PRO A 132 1.44 16.63 13.55
C PRO A 132 1.20 16.85 12.06
N SER A 133 -0.03 17.15 11.67
CA SER A 133 -0.41 17.07 10.26
C SER A 133 -0.57 18.41 9.55
N GLY A 134 -0.44 18.37 8.23
CA GLY A 134 -0.69 19.53 7.40
C GLY A 134 -1.00 19.11 5.98
N LYS A 135 -1.07 20.08 5.09
CA LYS A 135 -1.27 19.81 3.68
C LYS A 135 -0.54 20.87 2.89
N VAL A 136 -0.21 20.55 1.65
CA VAL A 136 0.55 21.48 0.83
C VAL A 136 0.45 21.08 -0.64
N VAL A 137 0.58 22.05 -1.53
CA VAL A 137 0.59 21.79 -2.95
C VAL A 137 2.03 21.81 -3.44
N ILE A 138 2.39 20.82 -4.26
CA ILE A 138 3.68 20.77 -4.92
C ILE A 138 3.49 20.72 -6.43
N HIS A 139 4.05 21.70 -7.14
CA HIS A 139 4.03 21.71 -8.59
C HIS A 139 5.06 20.75 -9.13
N SER A 140 4.65 19.82 -10.00
CA SER A 140 5.63 18.97 -10.68
C SER A 140 6.06 19.63 -12.00
N TYR A 141 6.50 20.87 -11.89
CA TYR A 141 6.92 21.69 -13.03
C TYR A 141 7.66 22.91 -12.51
N ASP A 142 8.27 23.65 -13.44
CA ASP A 142 9.17 24.78 -13.17
C ASP A 142 10.54 24.32 -12.66
N ALA A 143 11.53 25.19 -12.80
CA ALA A 143 12.90 24.83 -12.45
C ALA A 143 13.04 24.45 -10.98
N THR A 144 12.14 24.97 -10.15
CA THR A 144 12.16 24.69 -8.71
C THR A 144 11.62 23.30 -8.37
N PHE A 145 11.08 22.59 -9.36
CA PHE A 145 10.77 21.17 -9.19
C PHE A 145 12.03 20.41 -9.61
N ALA A 146 12.82 19.98 -8.63
CA ALA A 146 14.13 19.41 -8.91
C ALA A 146 14.41 18.17 -8.03
N PRO A 147 13.48 17.20 -8.03
CA PRO A 147 13.66 16.09 -7.09
C PRO A 147 14.94 15.29 -7.32
N HIS A 148 15.39 15.20 -8.57
CA HIS A 148 16.62 14.50 -8.89
C HIS A 148 17.82 15.18 -8.23
N LEU A 149 17.70 16.50 -8.02
CA LEU A 149 18.73 17.29 -7.35
C LEU A 149 18.53 17.29 -5.85
N GLY A 150 17.41 16.74 -5.39
CA GLY A 150 17.13 16.61 -3.98
C GLY A 150 16.13 17.59 -3.38
N THR A 151 15.55 18.46 -4.20
CA THR A 151 14.64 19.49 -3.68
C THR A 151 13.41 19.73 -4.55
N VAL A 152 12.29 20.02 -3.89
CA VAL A 152 11.09 20.52 -4.58
C VAL A 152 10.53 21.73 -3.82
N LYS A 153 9.97 22.66 -4.58
CA LYS A 153 9.32 23.82 -3.98
C LYS A 153 7.92 23.45 -3.49
N LEU A 154 7.57 23.97 -2.32
CA LEU A 154 6.21 23.89 -1.78
C LEU A 154 5.50 25.22 -1.98
N GLU A 155 4.25 25.18 -2.42
CA GLU A 155 3.46 26.41 -2.51
C GLU A 155 3.14 26.90 -1.10
N ASP A 156 3.35 28.19 -0.86
CA ASP A 156 3.08 28.74 0.45
C ASP A 156 1.59 28.85 0.69
N ASN A 157 1.09 28.15 1.71
CA ASN A 157 -0.32 28.25 2.08
C ASN A 157 -0.51 28.92 3.44
N ASN A 158 0.54 29.59 3.90
CA ASN A 158 0.52 30.33 5.16
C ASN A 158 0.43 29.43 6.40
N GLU A 159 0.62 28.13 6.20
CA GLU A 159 0.56 27.19 7.32
C GLU A 159 1.74 26.22 7.32
N LEU A 160 2.88 26.70 6.82
CA LEU A 160 4.08 25.87 6.74
C LEU A 160 5.13 26.22 7.78
N ASP A 161 5.02 27.40 8.39
CA ASP A 161 6.06 27.89 9.28
C ASP A 161 6.39 26.94 10.42
N GLN A 162 5.36 26.35 11.01
CA GLN A 162 5.56 25.50 12.19
C GLN A 162 6.35 24.25 11.81
N PHE A 163 6.44 23.98 10.51
CA PHE A 163 7.10 22.76 10.04
C PHE A 163 8.50 22.99 9.50
N VAL A 164 8.92 24.24 9.41
CA VAL A 164 10.26 24.54 8.92
C VAL A 164 11.29 23.90 9.86
N GLY A 165 12.19 23.11 9.27
CA GLY A 165 13.19 22.39 10.04
C GLY A 165 12.75 20.99 10.46
N LYS A 166 11.49 20.65 10.20
CA LYS A 166 10.95 19.36 10.63
C LYS A 166 10.91 18.35 9.50
N GLU A 167 11.16 17.08 9.83
CA GLU A 167 11.05 16.00 8.87
C GLU A 167 9.61 15.53 8.78
N VAL A 168 9.13 15.40 7.55
CA VAL A 168 7.76 14.96 7.31
C VAL A 168 7.70 13.85 6.28
N VAL A 169 6.63 13.07 6.33
CA VAL A 169 6.27 12.19 5.23
C VAL A 169 5.01 12.74 4.56
N LEU A 170 5.02 12.74 3.23
CA LEU A 170 3.93 13.31 2.45
C LEU A 170 3.28 12.22 1.62
N GLU A 171 1.97 12.32 1.47
CA GLU A 171 1.23 11.38 0.63
C GLU A 171 0.37 12.15 -0.36
N LEU A 172 0.22 11.58 -1.55
CA LEU A 172 -0.57 12.22 -2.60
C LEU A 172 -2.07 12.05 -2.32
N THR A 173 -2.74 13.13 -1.98
CA THR A 173 -4.17 13.07 -1.68
C THR A 173 -5.02 13.22 -2.93
N TRP A 174 -4.69 14.20 -3.75
CA TRP A 174 -5.35 14.40 -5.02
C TRP A 174 -4.48 15.20 -5.97
N VAL A 175 -4.88 15.27 -7.24
CA VAL A 175 -4.12 15.92 -8.30
C VAL A 175 -5.05 16.81 -9.09
N SER A 176 -4.55 17.97 -9.48
CA SER A 176 -5.29 18.82 -10.42
C SER A 176 -4.35 19.36 -11.51
N ASN A 177 -4.94 19.93 -12.55
CA ASN A 177 -4.15 20.47 -13.65
C ASN A 177 -3.39 21.74 -13.27
N ARG A 178 -2.26 21.94 -13.92
CA ARG A 178 -1.56 23.22 -13.89
C ARG A 178 -2.40 24.24 -14.65
N THR A 179 -2.52 25.43 -14.09
CA THR A 179 -3.22 26.50 -14.80
C THR A 179 -2.69 26.64 -16.22
N GLY A 180 -3.60 26.68 -17.18
CA GLY A 180 -3.23 26.83 -18.58
C GLY A 180 -2.94 25.53 -19.29
N ALA A 181 -3.00 24.41 -18.57
CA ALA A 181 -2.70 23.11 -19.17
C ALA A 181 -3.80 22.11 -18.84
N THR A 182 -3.88 21.04 -19.63
CA THR A 182 -4.76 19.93 -19.28
C THR A 182 -3.98 18.97 -18.39
N LEU A 183 -4.70 18.15 -17.63
CA LEU A 183 -4.06 17.13 -16.81
C LEU A 183 -3.68 15.94 -17.68
N ASN A 184 -2.39 15.71 -17.82
CA ASN A 184 -1.88 14.65 -18.69
C ASN A 184 -1.22 13.55 -17.86
N LEU A 185 -1.92 12.43 -17.72
CA LEU A 185 -1.45 11.33 -16.89
C LEU A 185 -0.32 10.52 -17.52
N TRP A 186 0.06 10.90 -18.74
CA TRP A 186 1.19 10.30 -19.45
C TRP A 186 2.44 11.20 -19.46
N ALA A 187 2.32 12.42 -18.93
CA ALA A 187 3.47 13.31 -18.86
C ALA A 187 4.53 12.74 -17.93
N VAL A 188 5.79 12.85 -18.33
CA VAL A 188 6.90 12.43 -17.49
C VAL A 188 7.40 13.65 -16.73
N PRO A 189 7.46 13.56 -15.38
CA PRO A 189 7.97 14.70 -14.62
C PRO A 189 9.39 15.07 -15.05
N ASN A 190 9.70 16.37 -15.07
CA ASN A 190 11.05 16.84 -15.38
C ASN A 190 11.92 16.79 -14.12
N TYR A 191 12.30 15.58 -13.73
CA TYR A 191 12.95 15.35 -12.44
C TYR A 191 14.24 16.12 -12.22
N GLY A 192 15.02 16.30 -13.28
CA GLY A 192 16.31 16.97 -13.20
C GLY A 192 16.27 18.46 -13.49
N SER A 193 15.09 19.04 -13.47
CA SER A 193 14.94 20.48 -13.67
C SER A 193 15.64 20.90 -14.97
N ASN A 194 16.34 22.04 -14.96
CA ASN A 194 17.07 22.46 -16.16
C ASN A 194 18.55 22.03 -16.14
N LEU A 195 18.92 21.24 -15.14
CA LEU A 195 20.32 20.88 -14.95
C LEU A 195 20.74 19.66 -15.78
N THR A 196 19.94 18.62 -15.71
CA THR A 196 20.29 17.37 -16.38
C THR A 196 19.07 16.51 -16.62
N GLN A 197 19.14 15.62 -17.60
CA GLN A 197 18.13 14.59 -17.72
C GLN A 197 18.39 13.60 -16.59
N ALA A 198 17.35 13.30 -15.81
CA ALA A 198 17.51 12.41 -14.68
C ALA A 198 18.08 11.09 -15.14
N SER A 199 19.02 10.56 -14.37
CA SER A 199 19.59 9.26 -14.70
C SER A 199 18.66 8.13 -14.30
N GLN A 200 18.83 6.99 -14.94
CA GLN A 200 18.07 5.78 -14.59
C GLN A 200 16.56 5.92 -14.76
N LEU A 201 16.13 6.73 -15.72
CA LEU A 201 14.73 6.76 -16.10
C LEU A 201 14.35 5.42 -16.70
N ALA A 202 13.21 4.88 -16.29
CA ALA A 202 12.65 3.73 -16.97
C ALA A 202 12.30 4.18 -18.38
N PRO A 203 12.55 3.34 -19.38
CA PRO A 203 12.38 3.77 -20.78
C PRO A 203 10.93 3.89 -21.24
N PRO A 204 10.70 4.61 -22.33
CA PRO A 204 9.36 4.66 -22.95
C PRO A 204 9.00 3.27 -23.47
N ILE A 205 7.70 2.96 -23.53
CA ILE A 205 7.25 1.68 -24.07
C ILE A 205 6.43 1.86 -25.35
N TYR A 206 6.74 1.03 -26.34
CA TYR A 206 6.03 1.00 -27.61
C TYR A 206 5.50 -0.40 -27.88
N PRO A 207 4.30 -0.48 -28.49
CA PRO A 207 3.70 -1.78 -28.82
C PRO A 207 4.49 -2.49 -29.91
N PRO A 208 4.50 -3.83 -29.88
CA PRO A 208 5.39 -4.63 -30.73
C PRO A 208 4.89 -4.92 -32.14
N GLY A 209 3.58 -4.80 -32.38
CA GLY A 209 3.01 -5.17 -33.67
C GLY A 209 2.00 -6.30 -33.51
N PHE A 210 1.71 -6.99 -34.62
CA PHE A 210 0.78 -8.12 -34.59
C PHE A 210 -0.58 -7.76 -34.03
N GLY A 211 -0.96 -6.49 -34.22
CA GLY A 211 -2.26 -6.01 -33.81
C GLY A 211 -2.31 -5.68 -32.34
N GLU A 212 -1.16 -5.73 -31.68
CA GLU A 212 -1.11 -5.62 -30.23
C GLU A 212 -1.15 -4.19 -29.71
N ALA A 213 -1.77 -4.05 -28.54
CA ALA A 213 -1.86 -2.77 -27.85
C ALA A 213 -1.47 -2.95 -26.40
N ILE A 214 -0.78 -1.95 -25.86
CA ILE A 214 -0.40 -1.96 -24.45
C ILE A 214 -1.63 -1.95 -23.56
N VAL A 215 -1.60 -2.79 -22.52
CA VAL A 215 -2.67 -2.86 -21.54
C VAL A 215 -2.37 -1.98 -20.33
N TYR A 216 -3.35 -1.18 -19.94
CA TYR A 216 -3.27 -0.35 -18.73
C TYR A 216 -4.23 -0.88 -17.68
N PHE A 217 -3.72 -0.99 -16.46
CA PHE A 217 -4.54 -1.30 -15.31
C PHE A 217 -4.99 0.02 -14.72
N THR A 218 -6.29 0.14 -14.43
CA THR A 218 -6.88 1.40 -14.03
C THR A 218 -7.36 1.39 -12.59
N SER A 219 -7.31 2.58 -11.98
CA SER A 219 -7.98 2.83 -10.71
C SER A 219 -8.72 4.15 -10.77
N THR A 220 -9.90 4.17 -10.16
CA THR A 220 -10.58 5.44 -9.95
C THR A 220 -9.90 6.16 -8.79
N PHE A 221 -9.51 7.40 -9.04
CA PHE A 221 -8.68 8.15 -8.10
C PHE A 221 -8.91 9.63 -8.40
N PRO A 222 -8.78 10.49 -7.38
CA PRO A 222 -9.05 11.93 -7.59
C PRO A 222 -7.93 12.68 -8.34
N THR A 223 -7.62 12.20 -9.54
CA THR A 223 -6.94 13.01 -10.54
C THR A 223 -8.05 13.81 -11.21
N VAL A 224 -8.32 14.99 -10.66
CA VAL A 224 -9.50 15.76 -11.03
C VAL A 224 -9.43 16.19 -12.49
N SER A 225 -10.54 15.96 -13.20
CA SER A 225 -10.70 16.12 -14.66
C SER A 225 -10.38 14.86 -15.47
N ASN A 226 -9.71 13.89 -14.85
CA ASN A 226 -9.48 12.58 -15.47
C ASN A 226 -9.25 11.54 -14.40
N PRO A 227 -10.32 11.13 -13.71
CA PRO A 227 -10.20 10.33 -12.49
C PRO A 227 -10.03 8.84 -12.76
N LYS A 228 -9.19 8.52 -13.73
CA LYS A 228 -8.89 7.13 -14.06
C LYS A 228 -7.38 7.02 -14.28
N VAL A 229 -6.68 6.52 -13.27
CA VAL A 229 -5.22 6.45 -13.32
C VAL A 229 -4.76 5.15 -13.97
N PRO A 230 -4.03 5.26 -15.10
CA PRO A 230 -3.51 4.08 -15.80
C PRO A 230 -2.10 3.74 -15.33
N CYS A 231 -1.80 2.44 -15.22
CA CYS A 231 -0.45 1.98 -14.94
C CYS A 231 -0.17 0.73 -15.79
N THR A 232 1.09 0.37 -15.95
CA THR A 232 1.42 -0.74 -16.83
C THR A 232 1.62 -2.09 -16.12
N LEU A 233 1.68 -2.07 -14.79
CA LEU A 233 1.66 -3.31 -14.00
C LEU A 233 1.00 -3.10 -12.65
N PRO A 234 0.25 -4.11 -12.17
CA PRO A 234 -0.18 -4.08 -10.76
C PRO A 234 1.04 -4.10 -9.84
N GLN A 235 0.95 -3.40 -8.71
CA GLN A 235 2.08 -3.36 -7.81
C GLN A 235 2.51 -4.76 -7.35
N GLU A 236 1.54 -5.64 -7.11
CA GLU A 236 1.88 -6.95 -6.60
C GLU A 236 2.59 -7.80 -7.67
N PHE A 237 2.43 -7.46 -8.95
CA PHE A 237 3.28 -8.10 -9.97
C PHE A 237 4.72 -7.68 -9.77
N VAL A 238 4.94 -6.41 -9.46
CA VAL A 238 6.30 -5.91 -9.26
C VAL A 238 7.00 -6.66 -8.13
N SER A 239 6.36 -6.72 -6.96
CA SER A 239 6.99 -7.39 -5.82
C SER A 239 7.15 -8.88 -6.10
N HIS A 240 6.22 -9.46 -6.86
CA HIS A 240 6.32 -10.86 -7.23
C HIS A 240 7.59 -11.11 -8.04
N PHE A 241 7.84 -10.30 -9.06
CA PHE A 241 9.01 -10.50 -9.90
C PHE A 241 10.30 -10.25 -9.12
N VAL A 242 10.29 -9.26 -8.23
CA VAL A 242 11.46 -8.99 -7.40
C VAL A 242 11.75 -10.19 -6.51
N ASN A 243 10.69 -10.74 -5.93
CA ASN A 243 10.82 -11.92 -5.08
C ASN A 243 11.36 -13.15 -5.82
N GLU A 244 10.83 -13.40 -7.01
CA GLU A 244 11.13 -14.62 -7.75
C GLU A 244 12.47 -14.58 -8.48
N GLN A 245 12.80 -13.46 -9.11
CA GLN A 245 14.00 -13.36 -9.92
C GLN A 245 14.09 -14.52 -10.91
N ALA A 246 12.97 -14.84 -11.56
CA ALA A 246 12.95 -15.93 -12.52
C ALA A 246 13.58 -15.48 -13.83
N PRO A 247 14.54 -16.26 -14.34
CA PRO A 247 15.15 -15.90 -15.62
C PRO A 247 14.12 -15.85 -16.75
N THR A 248 14.30 -14.88 -17.64
CA THR A 248 13.45 -14.73 -18.82
C THR A 248 13.93 -15.70 -19.90
N ARG A 249 13.02 -16.52 -20.41
CA ARG A 249 13.42 -17.62 -21.29
C ARG A 249 12.72 -17.61 -22.65
N GLY A 250 12.18 -16.47 -23.05
CA GLY A 250 11.52 -16.34 -24.34
C GLY A 250 11.25 -14.90 -24.69
N ASP A 251 10.73 -14.65 -25.89
CA ASP A 251 10.40 -13.30 -26.33
C ASP A 251 9.29 -12.68 -25.49
N ALA A 252 8.33 -13.51 -25.11
CA ALA A 252 7.17 -13.03 -24.37
C ALA A 252 6.63 -14.12 -23.46
N ALA A 253 6.03 -13.72 -22.35
CA ALA A 253 5.33 -14.65 -21.47
C ALA A 253 3.84 -14.62 -21.81
N LEU A 254 3.31 -15.75 -22.27
CA LEU A 254 1.89 -15.86 -22.55
C LEU A 254 1.14 -16.02 -21.24
N LEU A 255 0.16 -15.13 -21.02
CA LEU A 255 -0.73 -15.23 -19.86
C LEU A 255 -2.14 -15.50 -20.31
N HIS A 256 -2.87 -16.30 -19.53
CA HIS A 256 -4.31 -16.40 -19.68
C HIS A 256 -4.94 -15.72 -18.48
N TYR A 257 -5.94 -14.90 -18.76
CA TYR A 257 -6.73 -14.24 -17.73
C TYR A 257 -7.94 -15.13 -17.53
N VAL A 258 -7.99 -15.82 -16.39
CA VAL A 258 -8.96 -16.89 -16.21
C VAL A 258 -10.02 -16.60 -15.15
N ASP A 259 -11.18 -17.24 -15.32
CA ASP A 259 -12.25 -17.17 -14.34
C ASP A 259 -11.72 -17.71 -13.02
N PRO A 260 -11.94 -16.97 -11.92
CA PRO A 260 -11.31 -17.33 -10.65
C PRO A 260 -11.85 -18.64 -10.05
N ASP A 261 -13.00 -19.08 -10.53
CA ASP A 261 -13.63 -20.29 -9.98
C ASP A 261 -13.52 -21.51 -10.89
N THR A 262 -13.62 -21.30 -12.20
CA THR A 262 -13.57 -22.42 -13.14
C THR A 262 -12.21 -22.53 -13.85
N HIS A 263 -11.42 -21.46 -13.78
CA HIS A 263 -10.11 -21.40 -14.43
C HIS A 263 -10.20 -21.43 -15.95
N ARG A 264 -11.39 -21.18 -16.48
CA ARG A 264 -11.59 -21.06 -17.92
C ARG A 264 -10.91 -19.79 -18.42
N ASN A 265 -10.21 -19.88 -19.53
CA ASN A 265 -9.57 -18.73 -20.12
C ASN A 265 -10.57 -17.72 -20.67
N LEU A 266 -10.43 -16.46 -20.26
CA LEU A 266 -11.31 -15.37 -20.71
C LEU A 266 -10.63 -14.47 -21.75
N GLY A 267 -9.31 -14.56 -21.85
CA GLY A 267 -8.55 -13.71 -22.75
C GLY A 267 -7.06 -13.91 -22.60
N GLU A 268 -6.34 -13.85 -23.73
CA GLU A 268 -4.89 -14.02 -23.73
C GLU A 268 -4.16 -12.69 -23.72
N PHE A 269 -2.99 -12.68 -23.10
CA PHE A 269 -2.14 -11.49 -23.05
C PHE A 269 -0.69 -11.92 -23.23
N LYS A 270 0.14 -11.04 -23.78
CA LYS A 270 1.57 -11.30 -23.86
C LYS A 270 2.32 -10.31 -23.00
N MET A 271 3.13 -10.81 -22.06
CA MET A 271 3.98 -9.95 -21.23
C MET A 271 5.37 -9.93 -21.82
N TYR A 272 5.93 -8.75 -22.01
CA TYR A 272 7.26 -8.64 -22.59
C TYR A 272 8.29 -8.40 -21.49
N PRO A 273 9.55 -8.76 -21.75
CA PRO A 273 10.62 -8.72 -20.74
C PRO A 273 10.77 -7.36 -20.07
N GLU A 274 10.44 -6.29 -20.78
CA GLU A 274 10.52 -4.93 -20.26
C GLU A 274 9.53 -4.64 -19.13
N GLY A 275 8.56 -5.54 -18.93
CA GLY A 275 7.63 -5.42 -17.82
C GLY A 275 6.34 -4.70 -18.15
N TYR A 276 5.67 -5.13 -19.21
CA TYR A 276 4.36 -4.62 -19.55
C TYR A 276 3.64 -5.72 -20.32
N MET A 277 2.34 -5.58 -20.52
CA MET A 277 1.64 -6.58 -21.31
C MET A 277 0.79 -5.99 -22.43
N THR A 278 0.49 -6.82 -23.41
CA THR A 278 -0.32 -6.41 -24.55
C THR A 278 -1.48 -7.36 -24.73
N CYS A 279 -2.44 -6.92 -25.55
CA CYS A 279 -3.54 -7.76 -25.97
C CYS A 279 -3.88 -7.34 -27.40
N VAL A 280 -4.74 -8.11 -28.05
CA VAL A 280 -5.43 -7.61 -29.23
C VAL A 280 -6.86 -7.32 -28.78
N PRO A 281 -7.20 -6.02 -28.70
CA PRO A 281 -8.48 -5.64 -28.11
C PRO A 281 -9.62 -5.86 -29.09
N ASN A 282 -10.83 -5.89 -28.55
CA ASN A 282 -12.02 -5.87 -29.38
C ASN A 282 -12.12 -7.09 -30.29
N ALA A 283 -11.73 -8.25 -29.78
CA ALA A 283 -11.84 -9.49 -30.52
C ALA A 283 -13.32 -9.79 -30.82
N GLY A 284 -13.66 -9.84 -32.09
CA GLY A 284 -15.02 -10.14 -32.51
C GLY A 284 -15.92 -8.91 -32.53
N GLY A 285 -15.37 -7.76 -32.86
CA GLY A 285 -16.16 -6.54 -32.90
C GLY A 285 -16.48 -6.03 -31.51
N GLY A 286 -16.69 -6.95 -30.59
CA GLY A 286 -16.73 -6.64 -29.17
C GLY A 286 -17.95 -5.93 -28.60
N PRO A 287 -19.06 -6.67 -28.43
CA PRO A 287 -20.07 -6.23 -27.46
C PRO A 287 -19.83 -6.98 -26.17
N GLN A 288 -18.59 -7.40 -25.96
CA GLN A 288 -18.18 -8.18 -24.80
C GLN A 288 -17.43 -7.32 -23.79
N THR A 289 -17.52 -7.71 -22.52
CA THR A 289 -16.74 -7.05 -21.47
C THR A 289 -16.13 -8.10 -20.56
N LEU A 290 -14.84 -8.00 -20.30
CA LEU A 290 -14.19 -8.92 -19.37
C LEU A 290 -14.54 -8.54 -17.95
N PRO A 291 -14.66 -9.53 -17.06
CA PRO A 291 -14.86 -9.25 -15.64
C PRO A 291 -13.55 -8.71 -15.05
N ILE A 292 -13.62 -8.09 -13.87
CA ILE A 292 -12.43 -7.50 -13.26
C ILE A 292 -11.83 -8.38 -12.17
N ASN A 293 -12.44 -9.54 -11.94
CA ASN A 293 -12.01 -10.43 -10.86
C ASN A 293 -11.33 -11.70 -11.35
N GLY A 294 -10.81 -11.67 -12.58
CA GLY A 294 -10.07 -12.79 -13.11
C GLY A 294 -8.66 -12.88 -12.53
N VAL A 295 -8.00 -13.98 -12.82
CA VAL A 295 -6.66 -14.26 -12.32
C VAL A 295 -5.73 -14.48 -13.51
N PHE A 296 -4.61 -13.78 -13.56
CA PHE A 296 -3.62 -14.02 -14.60
C PHE A 296 -2.84 -15.28 -14.27
N VAL A 297 -2.67 -16.14 -15.28
CA VAL A 297 -1.89 -17.35 -15.13
C VAL A 297 -0.85 -17.45 -16.25
N PHE A 298 0.40 -17.63 -15.87
CA PHE A 298 1.46 -17.89 -16.82
C PHE A 298 1.31 -19.26 -17.48
N ILE A 299 1.21 -19.26 -18.80
CA ILE A 299 1.08 -20.49 -19.58
C ILE A 299 2.45 -21.00 -20.03
N SER A 300 3.16 -20.16 -20.77
CA SER A 300 4.49 -20.52 -21.25
C SER A 300 5.18 -19.33 -21.87
N TRP A 301 6.49 -19.45 -22.07
CA TRP A 301 7.21 -18.52 -22.92
C TRP A 301 6.82 -18.82 -24.37
N VAL A 302 6.62 -17.76 -25.16
CA VAL A 302 6.24 -17.92 -26.55
C VAL A 302 7.06 -16.96 -27.39
N SER A 303 7.10 -17.19 -28.70
CA SER A 303 7.86 -16.30 -29.56
C SER A 303 7.10 -15.00 -29.77
N ARG A 304 7.80 -13.97 -30.22
CA ARG A 304 7.16 -12.68 -30.47
C ARG A 304 6.07 -12.80 -31.53
N TYR A 305 6.13 -13.87 -32.33
CA TYR A 305 5.17 -14.08 -33.42
C TYR A 305 3.86 -14.72 -32.97
N TYR A 306 3.78 -15.12 -31.70
CA TYR A 306 2.54 -15.69 -31.19
C TYR A 306 1.38 -14.72 -31.46
N GLN A 307 0.37 -15.20 -32.15
CA GLN A 307 -0.73 -14.34 -32.59
C GLN A 307 -1.92 -14.38 -31.64
N LEU A 308 -2.22 -13.24 -31.02
CA LEU A 308 -3.38 -13.15 -30.14
C LEU A 308 -4.66 -12.95 -30.94
N LYS B 12 2.51 -27.87 -3.01
CA LYS B 12 3.30 -26.64 -3.09
C LYS B 12 4.08 -26.41 -1.79
N PRO B 13 5.40 -26.26 -1.91
CA PRO B 13 6.29 -26.07 -0.75
C PRO B 13 6.08 -24.72 -0.08
N PHE B 14 6.12 -24.70 1.24
CA PHE B 14 5.97 -23.46 1.99
C PHE B 14 7.19 -22.57 1.80
N SER B 15 6.97 -21.26 1.84
CA SER B 15 8.07 -20.29 1.81
C SER B 15 7.58 -18.99 2.41
N VAL B 16 8.54 -18.13 2.77
CA VAL B 16 8.21 -16.75 3.13
C VAL B 16 8.87 -15.84 2.11
N PRO B 17 8.43 -14.56 2.04
CA PRO B 17 9.00 -13.66 1.02
C PRO B 17 10.51 -13.53 1.11
N ASN B 18 11.13 -13.52 -0.06
CA ASN B 18 12.55 -13.25 -0.23
C ASN B 18 12.75 -11.75 -0.45
N ILE B 19 12.25 -10.97 0.51
CA ILE B 19 12.32 -9.51 0.49
C ILE B 19 12.83 -9.04 1.84
N PRO B 20 13.80 -8.11 1.85
CA PRO B 20 14.30 -7.58 3.12
C PRO B 20 13.16 -6.98 3.96
N MET B 21 13.23 -7.19 5.26
CA MET B 21 12.18 -6.74 6.16
C MET B 21 11.87 -5.25 6.01
N ASN B 22 12.91 -4.44 5.84
CA ASN B 22 12.72 -3.00 5.77
C ASN B 22 12.18 -2.47 4.44
N LEU B 23 11.87 -3.38 3.51
CA LEU B 23 11.18 -3.02 2.27
C LEU B 23 9.70 -3.41 2.32
N MET B 24 9.29 -4.07 3.39
CA MET B 24 7.91 -4.51 3.55
C MET B 24 7.12 -3.54 4.41
N SER B 25 5.80 -3.60 4.24
CA SER B 25 4.90 -2.71 4.97
C SER B 25 4.41 -3.33 6.28
N ASN B 26 4.17 -2.48 7.27
CA ASN B 26 3.34 -2.82 8.40
C ASN B 26 1.97 -3.32 7.87
N SER B 27 1.31 -4.19 8.62
CA SER B 27 -0.02 -4.63 8.20
C SER B 27 -1.17 -3.84 8.83
N ARG B 28 -0.86 -2.93 9.76
CA ARG B 28 -1.88 -2.13 10.41
C ARG B 28 -1.90 -0.66 9.97
N VAL B 29 -0.79 -0.19 9.41
CA VAL B 29 -0.72 1.11 8.74
C VAL B 29 0.16 0.90 7.51
N PRO B 30 -0.09 1.67 6.45
CA PRO B 30 0.74 1.56 5.24
C PRO B 30 2.03 2.34 5.42
N MET B 31 3.00 1.69 6.06
CA MET B 31 4.26 2.30 6.43
C MET B 31 5.31 1.20 6.42
N LEU B 32 6.50 1.51 5.91
CA LEU B 32 7.58 0.52 5.94
C LEU B 32 7.87 0.08 7.37
N ILE B 33 8.23 -1.18 7.51
CA ILE B 33 8.72 -1.71 8.77
C ILE B 33 10.11 -1.16 9.08
N ASP B 34 10.30 -0.64 10.29
CA ASP B 34 11.60 -0.11 10.68
C ASP B 34 12.13 -0.72 11.97
N GLY B 35 11.53 -1.83 12.39
CA GLY B 35 12.04 -2.54 13.56
C GLY B 35 11.25 -3.78 13.91
N MET B 36 11.78 -4.52 14.89
CA MET B 36 11.10 -5.62 15.55
C MET B 36 11.16 -5.35 17.04
N MET B 37 10.17 -5.85 17.78
CA MET B 37 10.17 -5.73 19.23
C MET B 37 9.44 -6.91 19.85
N VAL B 38 9.68 -7.12 21.14
CA VAL B 38 8.82 -7.95 21.95
C VAL B 38 8.10 -7.01 22.91
N SER B 39 6.91 -7.39 23.37
CA SER B 39 6.16 -6.52 24.26
C SER B 39 6.77 -6.42 25.65
N ASN B 40 6.63 -5.25 26.27
CA ASN B 40 7.12 -4.99 27.62
C ASN B 40 6.63 -6.08 28.56
N ASP B 41 5.32 -6.30 28.56
CA ASP B 41 4.72 -7.43 29.25
C ASP B 41 4.65 -8.60 28.26
N GLN B 42 5.46 -9.63 28.49
CA GLN B 42 5.52 -10.74 27.54
C GLN B 42 4.25 -11.59 27.55
N ASN B 43 3.34 -11.28 28.48
CA ASN B 43 2.04 -11.94 28.53
C ASN B 43 0.92 -11.20 27.78
N GLN B 44 1.25 -10.04 27.23
CA GLN B 44 0.28 -9.26 26.44
C GLN B 44 -0.28 -10.07 25.28
N VAL B 45 -1.60 -10.09 25.18
CA VAL B 45 -2.30 -10.81 24.12
C VAL B 45 -2.70 -9.85 22.99
N PRO B 46 -2.08 -10.02 21.81
CA PRO B 46 -2.52 -9.25 20.65
C PRO B 46 -3.75 -9.87 20.00
N GLN B 47 -4.63 -9.02 19.49
CA GLN B 47 -5.77 -9.50 18.72
C GLN B 47 -6.02 -8.52 17.58
N PHE B 48 -4.96 -8.22 16.84
CA PHE B 48 -5.09 -7.34 15.70
C PHE B 48 -6.05 -7.95 14.69
N GLN B 49 -6.72 -7.09 13.92
CA GLN B 49 -7.68 -7.54 12.92
C GLN B 49 -7.13 -7.43 11.50
N ASN B 50 -6.12 -6.59 11.34
CA ASN B 50 -5.36 -6.54 10.09
C ASN B 50 -4.05 -7.32 10.22
N GLY B 51 -3.50 -7.74 9.10
CA GLY B 51 -2.31 -8.58 9.09
C GLY B 51 -2.55 -9.99 9.59
N ARG B 52 -3.79 -10.46 9.53
CA ARG B 52 -4.15 -11.77 10.05
C ARG B 52 -4.42 -12.76 8.94
N VAL B 53 -3.62 -13.82 8.90
CA VAL B 53 -3.72 -14.84 7.87
C VAL B 53 -3.06 -16.10 8.41
N THR B 54 -3.58 -17.26 8.02
CA THR B 54 -2.93 -18.51 8.36
C THR B 54 -1.76 -18.76 7.42
N LEU B 55 -0.86 -19.67 7.80
CA LEU B 55 0.28 -19.99 6.95
C LEU B 55 -0.15 -20.59 5.62
N ASP B 56 -1.32 -21.22 5.57
CA ASP B 56 -1.82 -21.75 4.30
C ASP B 56 -2.73 -20.78 3.54
N GLY B 57 -2.71 -19.52 3.96
CA GLY B 57 -3.27 -18.43 3.18
C GLY B 57 -4.74 -18.12 3.35
N GLN B 58 -5.30 -18.41 4.52
CA GLN B 58 -6.68 -18.04 4.83
C GLN B 58 -6.72 -16.72 5.59
N LEU B 59 -7.32 -15.72 4.97
CA LEU B 59 -7.43 -14.40 5.58
C LEU B 59 -8.40 -14.40 6.76
N GLN B 60 -8.11 -13.57 7.76
CA GLN B 60 -8.97 -13.41 8.93
C GLN B 60 -9.19 -11.94 9.27
N GLY B 61 -10.17 -11.66 10.11
CA GLY B 61 -10.44 -10.30 10.54
C GLY B 61 -10.82 -9.41 9.38
N THR B 62 -10.22 -8.23 9.31
CA THR B 62 -10.43 -7.29 8.22
C THR B 62 -9.27 -7.31 7.23
N THR B 63 -8.43 -8.33 7.32
CA THR B 63 -7.22 -8.39 6.52
C THR B 63 -7.51 -8.48 5.02
N THR B 64 -6.75 -7.71 4.24
CA THR B 64 -6.80 -7.68 2.79
C THR B 64 -5.51 -8.23 2.20
N VAL B 65 -5.54 -8.48 0.90
CA VAL B 65 -4.34 -8.89 0.20
C VAL B 65 -3.37 -7.70 0.06
N SER B 66 -3.89 -6.55 -0.38
CA SER B 66 -3.03 -5.42 -0.73
C SER B 66 -2.79 -4.41 0.39
N ALA B 67 -1.55 -3.92 0.47
CA ALA B 67 -1.23 -2.85 1.41
C ALA B 67 -2.00 -1.56 1.07
N ALA B 68 -2.49 -1.47 -0.16
CA ALA B 68 -3.26 -0.30 -0.59
C ALA B 68 -4.59 -0.15 0.17
N CYS B 69 -5.02 -1.20 0.87
CA CYS B 69 -6.30 -1.17 1.59
C CYS B 69 -6.15 -0.88 3.08
N ILE B 70 -4.92 -0.91 3.59
CA ILE B 70 -4.70 -0.85 5.03
C ILE B 70 -5.15 0.48 5.65
N ALA B 71 -6.00 0.37 6.66
CA ALA B 71 -6.46 1.51 7.47
C ALA B 71 -7.24 2.54 6.67
N ARG B 72 -8.05 2.03 5.73
CA ARG B 72 -8.91 2.87 4.92
C ARG B 72 -10.37 2.53 5.14
N MET B 73 -11.25 3.45 4.76
CA MET B 73 -12.69 3.25 4.83
C MET B 73 -13.32 3.79 3.56
N ARG B 74 -14.55 3.36 3.29
CA ARG B 74 -15.31 3.92 2.18
C ARG B 74 -16.78 3.96 2.57
N GLY B 75 -17.48 4.99 2.10
CA GLY B 75 -18.91 5.01 2.28
C GLY B 75 -19.52 6.35 1.94
N ARG B 76 -20.79 6.48 2.24
CA ARG B 76 -21.54 7.70 1.95
C ARG B 76 -21.80 8.47 3.23
N ILE B 77 -21.46 9.75 3.23
CA ILE B 77 -21.64 10.59 4.40
C ILE B 77 -23.11 10.98 4.54
N PHE B 78 -23.61 10.92 5.78
CA PHE B 78 -24.99 11.33 6.06
C PHE B 78 -25.06 12.29 7.22
N ASN B 79 -26.20 12.99 7.32
CA ASN B 79 -26.46 13.87 8.43
C ASN B 79 -27.88 13.62 8.94
N ASN B 80 -27.97 12.99 10.10
CA ASN B 80 -29.26 12.78 10.75
C ASN B 80 -29.42 13.72 11.94
N ASN B 81 -30.20 14.77 11.75
CA ASN B 81 -30.52 15.68 12.84
C ASN B 81 -29.28 16.26 13.55
N GLY B 82 -28.24 16.54 12.77
CA GLY B 82 -27.03 17.12 13.34
C GLY B 82 -26.04 16.06 13.78
N ASN B 83 -26.42 14.80 13.62
CA ASN B 83 -25.49 13.69 13.84
C ASN B 83 -24.94 13.21 12.51
N TYR B 84 -23.64 13.42 12.29
CA TYR B 84 -23.00 13.04 11.03
C TYR B 84 -22.39 11.65 11.12
N GLY B 85 -22.31 10.98 9.99
CA GLY B 85 -21.78 9.63 9.97
C GLY B 85 -21.45 9.17 8.57
N VAL B 86 -20.93 7.94 8.48
CA VAL B 86 -20.72 7.31 7.19
C VAL B 86 -21.45 5.97 7.17
N ASN B 87 -22.21 5.73 6.11
CA ASN B 87 -22.73 4.41 5.82
C ASN B 87 -21.69 3.67 5.00
N LEU B 88 -21.08 2.67 5.62
CA LEU B 88 -19.89 2.03 5.09
C LEU B 88 -20.15 1.07 3.93
N ALA B 89 -19.14 0.93 3.09
CA ALA B 89 -19.11 -0.06 2.02
C ALA B 89 -17.71 -0.66 2.01
N GLU B 90 -17.51 -1.72 1.21
CA GLU B 90 -16.16 -2.19 0.96
C GLU B 90 -15.39 -1.14 0.15
N LEU B 91 -14.06 -1.23 0.16
CA LEU B 91 -13.24 -0.20 -0.49
C LEU B 91 -13.43 -0.09 -2.00
N ASP B 92 -13.91 -1.16 -2.62
CA ASP B 92 -14.21 -1.10 -4.06
C ASP B 92 -15.60 -0.55 -4.35
N GLY B 93 -16.35 -0.22 -3.30
CA GLY B 93 -17.65 0.41 -3.46
C GLY B 93 -18.82 -0.55 -3.41
N ASN B 94 -18.53 -1.85 -3.42
CA ASN B 94 -19.57 -2.85 -3.27
C ASN B 94 -20.03 -2.94 -1.82
N PRO B 95 -21.24 -3.45 -1.58
CA PRO B 95 -21.79 -3.40 -0.22
C PRO B 95 -21.00 -4.23 0.77
N TYR B 96 -20.95 -3.77 2.01
CA TYR B 96 -20.40 -4.56 3.10
C TYR B 96 -21.52 -5.41 3.67
N HIS B 97 -21.39 -6.72 3.54
CA HIS B 97 -22.45 -7.66 3.93
C HIS B 97 -22.22 -8.29 5.30
N ALA B 98 -21.04 -8.09 5.86
CA ALA B 98 -20.69 -8.61 7.19
C ALA B 98 -20.74 -10.14 7.29
N PHE B 99 -20.51 -10.82 6.18
CA PHE B 99 -20.48 -12.29 6.18
C PHE B 99 -19.15 -12.82 6.68
N ASP B 100 -18.09 -12.06 6.42
CA ASP B 100 -16.73 -12.58 6.54
C ASP B 100 -15.87 -11.82 7.55
N SER B 101 -16.23 -10.58 7.86
CA SER B 101 -15.33 -9.72 8.62
C SER B 101 -16.10 -8.81 9.58
N PRO B 102 -15.43 -8.38 10.66
CA PRO B 102 -16.05 -7.57 11.72
C PRO B 102 -16.29 -6.13 11.28
N ALA B 103 -15.72 -5.75 10.14
CA ALA B 103 -15.92 -4.45 9.52
C ALA B 103 -15.51 -4.66 8.06
N PRO B 104 -15.71 -3.64 7.22
CA PRO B 104 -15.23 -3.79 5.84
C PRO B 104 -13.73 -4.09 5.79
N LEU B 105 -13.28 -4.81 4.77
CA LEU B 105 -11.87 -5.14 4.69
C LEU B 105 -11.01 -3.87 4.68
N GLY B 106 -9.88 -3.92 5.39
CA GLY B 106 -8.95 -2.81 5.46
C GLY B 106 -9.23 -1.82 6.60
N PHE B 107 -10.40 -1.92 7.21
CA PHE B 107 -10.82 -0.97 8.23
C PHE B 107 -9.75 -0.86 9.33
N PRO B 108 -9.46 0.37 9.79
CA PRO B 108 -8.46 0.49 10.86
C PRO B 108 -8.81 -0.37 12.09
N ASP B 109 -7.80 -0.97 12.72
CA ASP B 109 -8.03 -1.79 13.93
C ASP B 109 -7.44 -1.16 15.20
N PHE B 110 -7.46 0.17 15.25
CA PHE B 110 -7.06 0.91 16.45
C PHE B 110 -8.30 1.24 17.24
N GLY B 111 -8.36 0.73 18.48
CA GLY B 111 -9.55 0.88 19.30
C GLY B 111 -9.43 1.93 20.39
N ASN B 112 -10.58 2.47 20.79
CA ASN B 112 -10.66 3.42 21.90
C ASN B 112 -9.79 4.66 21.73
N CYS B 113 -9.76 5.20 20.52
CA CYS B 113 -8.93 6.36 20.23
C CYS B 113 -9.55 7.23 19.15
N ASP B 114 -8.91 8.34 18.84
CA ASP B 114 -9.43 9.28 17.86
C ASP B 114 -8.70 9.12 16.55
N LEU B 115 -9.44 8.68 15.53
CA LEU B 115 -8.88 8.47 14.20
C LEU B 115 -9.02 9.76 13.39
N HIS B 116 -7.89 10.32 12.98
CA HIS B 116 -7.91 11.52 12.18
C HIS B 116 -7.77 11.13 10.72
N MET B 117 -8.89 11.20 10.01
CA MET B 117 -8.96 10.75 8.63
C MET B 117 -8.84 11.90 7.63
N THR B 118 -8.22 11.60 6.49
CA THR B 118 -8.31 12.45 5.32
C THR B 118 -9.18 11.72 4.33
N PHE B 119 -10.01 12.46 3.58
CA PHE B 119 -10.89 11.79 2.64
C PHE B 119 -11.05 12.56 1.34
N VAL B 120 -11.48 11.84 0.31
CA VAL B 120 -11.78 12.43 -0.98
C VAL B 120 -13.07 11.83 -1.51
N LYS B 121 -13.85 12.65 -2.20
CA LYS B 121 -14.97 12.13 -2.99
C LYS B 121 -14.41 11.16 -4.01
N ILE B 122 -15.16 10.09 -4.30
CA ILE B 122 -14.65 9.02 -5.14
C ILE B 122 -15.53 8.70 -6.36
N ASN B 123 -16.71 9.30 -6.43
CA ASN B 123 -17.54 9.13 -7.63
C ASN B 123 -16.93 9.95 -8.76
N PRO B 124 -16.67 9.33 -9.92
CA PRO B 124 -16.06 10.11 -11.00
C PRO B 124 -16.84 11.39 -11.35
N THR B 125 -18.17 11.38 -11.19
CA THR B 125 -18.94 12.57 -11.51
C THR B 125 -18.65 13.74 -10.57
N GLU B 126 -18.09 13.43 -9.41
CA GLU B 126 -17.72 14.45 -8.43
C GLU B 126 -16.26 14.84 -8.56
N LEU B 127 -15.59 14.32 -9.61
CA LEU B 127 -14.16 14.52 -9.77
C LEU B 127 -13.80 15.18 -11.10
N SER B 128 -14.69 16.02 -11.61
CA SER B 128 -14.42 16.72 -12.86
C SER B 128 -13.73 18.07 -12.63
N THR B 129 -14.05 18.70 -11.50
CA THR B 129 -13.54 20.02 -11.18
C THR B 129 -13.56 20.21 -9.66
N GLY B 130 -12.78 21.15 -9.16
CA GLY B 130 -12.83 21.53 -7.76
C GLY B 130 -12.02 20.64 -6.83
N ASP B 131 -12.04 20.97 -5.55
CA ASP B 131 -11.30 20.25 -4.52
C ASP B 131 -12.20 19.19 -3.90
N PRO B 132 -11.85 17.90 -4.10
CA PRO B 132 -12.73 16.82 -3.61
C PRO B 132 -12.40 16.40 -2.19
N SER B 133 -11.46 17.09 -1.53
CA SER B 133 -10.90 16.57 -0.29
C SER B 133 -11.44 17.20 1.00
N GLY B 134 -11.33 16.44 2.08
CA GLY B 134 -11.67 16.94 3.40
C GLY B 134 -10.95 16.15 4.46
N LYS B 135 -11.31 16.38 5.71
CA LYS B 135 -10.73 15.65 6.83
C LYS B 135 -11.78 15.56 7.92
N VAL B 136 -11.66 14.58 8.79
CA VAL B 136 -12.64 14.37 9.84
C VAL B 136 -12.08 13.45 10.93
N VAL B 137 -12.59 13.60 12.14
CA VAL B 137 -12.23 12.71 13.23
C VAL B 137 -13.32 11.67 13.43
N ILE B 138 -12.89 10.43 13.61
CA ILE B 138 -13.81 9.33 13.92
C ILE B 138 -13.35 8.66 15.21
N HIS B 139 -14.24 8.62 16.20
CA HIS B 139 -13.96 7.93 17.46
C HIS B 139 -14.15 6.44 17.28
N SER B 140 -13.13 5.65 17.61
CA SER B 140 -13.29 4.20 17.59
C SER B 140 -13.80 3.69 18.94
N TYR B 141 -14.91 4.28 19.38
CA TYR B 141 -15.53 3.96 20.66
C TYR B 141 -16.93 4.57 20.70
N ASP B 142 -17.69 4.16 21.72
CA ASP B 142 -19.13 4.44 21.86
C ASP B 142 -19.98 3.59 20.91
N ALA B 143 -21.27 3.45 21.24
CA ALA B 143 -22.16 2.62 20.43
C ALA B 143 -22.34 3.18 19.02
N THR B 144 -22.06 4.47 18.86
CA THR B 144 -22.16 5.11 17.55
C THR B 144 -21.00 4.72 16.62
N PHE B 145 -19.99 4.06 17.17
CA PHE B 145 -18.95 3.44 16.35
C PHE B 145 -19.37 1.99 16.20
N ALA B 146 -20.06 1.69 15.09
CA ALA B 146 -20.63 0.37 14.88
C ALA B 146 -20.35 -0.13 13.46
N PRO B 147 -19.07 -0.20 13.07
CA PRO B 147 -18.74 -0.59 11.69
C PRO B 147 -19.24 -1.99 11.30
N HIS B 148 -19.39 -2.89 12.28
CA HIS B 148 -19.94 -4.21 11.99
C HIS B 148 -21.39 -4.10 11.50
N LEU B 149 -22.09 -3.08 11.97
CA LEU B 149 -23.46 -2.79 11.53
C LEU B 149 -23.50 -1.78 10.39
N GLY B 150 -22.32 -1.42 9.88
CA GLY B 150 -22.22 -0.60 8.69
C GLY B 150 -22.19 0.90 8.88
N THR B 151 -22.08 1.37 10.12
CA THR B 151 -22.11 2.81 10.37
C THR B 151 -21.11 3.27 11.43
N VAL B 152 -20.53 4.43 11.20
CA VAL B 152 -19.70 5.08 12.21
C VAL B 152 -20.06 6.57 12.29
N LYS B 153 -20.00 7.12 13.50
CA LYS B 153 -20.23 8.55 13.68
C LYS B 153 -19.00 9.36 13.29
N LEU B 154 -19.23 10.49 12.62
CA LEU B 154 -18.17 11.45 12.34
C LEU B 154 -18.31 12.61 13.30
N GLU B 155 -17.19 13.08 13.86
CA GLU B 155 -17.24 14.29 14.68
C GLU B 155 -17.50 15.50 13.78
N ASP B 156 -18.45 16.34 14.16
CA ASP B 156 -18.77 17.50 13.35
C ASP B 156 -17.68 18.56 13.47
N ASN B 157 -16.99 18.83 12.37
CA ASN B 157 -15.96 19.86 12.35
C ASN B 157 -16.38 21.07 11.53
N ASN B 158 -17.68 21.19 11.30
CA ASN B 158 -18.25 22.34 10.60
C ASN B 158 -17.89 22.36 9.11
N GLU B 159 -17.30 21.27 8.63
CA GLU B 159 -16.89 21.20 7.22
C GLU B 159 -17.36 19.91 6.54
N LEU B 160 -18.47 19.35 7.00
CA LEU B 160 -18.97 18.10 6.45
C LEU B 160 -20.16 18.29 5.51
N ASP B 161 -20.83 19.42 5.61
CA ASP B 161 -22.09 19.57 4.91
C ASP B 161 -21.99 19.44 3.38
N GLN B 162 -20.91 19.92 2.79
CA GLN B 162 -20.75 19.82 1.36
C GLN B 162 -20.65 18.37 0.91
N PHE B 163 -20.39 17.47 1.86
CA PHE B 163 -20.17 16.07 1.53
C PHE B 163 -21.35 15.17 1.85
N VAL B 164 -22.38 15.74 2.47
CA VAL B 164 -23.55 14.94 2.81
C VAL B 164 -24.19 14.38 1.54
N GLY B 165 -24.42 13.08 1.52
CA GLY B 165 -24.94 12.42 0.34
C GLY B 165 -23.89 11.97 -0.65
N LYS B 166 -22.62 12.31 -0.40
CA LYS B 166 -21.53 11.97 -1.32
C LYS B 166 -20.76 10.75 -0.86
N GLU B 167 -20.30 9.93 -1.80
CA GLU B 167 -19.44 8.80 -1.48
C GLU B 167 -17.98 9.24 -1.38
N VAL B 168 -17.31 8.80 -0.33
CA VAL B 168 -15.92 9.17 -0.13
C VAL B 168 -15.08 7.95 0.21
N VAL B 169 -13.77 8.06 -0.04
CA VAL B 169 -12.84 7.11 0.54
C VAL B 169 -12.00 7.86 1.58
N LEU B 170 -11.82 7.22 2.73
CA LEU B 170 -11.09 7.81 3.85
C LEU B 170 -9.82 7.03 4.13
N GLU B 171 -8.77 7.73 4.54
CA GLU B 171 -7.52 7.09 4.94
C GLU B 171 -7.07 7.65 6.29
N LEU B 172 -6.39 6.81 7.05
CA LEU B 172 -5.92 7.20 8.38
C LEU B 172 -4.66 8.04 8.30
N THR B 173 -4.79 9.33 8.62
CA THR B 173 -3.65 10.23 8.57
C THR B 173 -2.86 10.20 9.86
N TRP B 174 -3.55 10.29 10.99
CA TRP B 174 -2.89 10.19 12.28
C TRP B 174 -3.89 9.80 13.35
N VAL B 175 -3.38 9.49 14.55
CA VAL B 175 -4.20 9.00 15.63
C VAL B 175 -3.82 9.73 16.92
N SER B 176 -4.83 10.07 17.72
CA SER B 176 -4.57 10.62 19.05
C SER B 176 -5.34 9.86 20.12
N ASN B 177 -4.96 10.06 21.38
CA ASN B 177 -5.66 9.40 22.47
C ASN B 177 -7.04 9.99 22.68
N ARG B 178 -7.96 9.14 23.11
CA ARG B 178 -9.26 9.59 23.59
C ARG B 178 -9.03 10.33 24.90
N THR B 179 -9.73 11.45 25.08
CA THR B 179 -9.66 12.19 26.34
C THR B 179 -9.88 11.24 27.51
N GLY B 180 -8.98 11.28 28.49
CA GLY B 180 -9.12 10.45 29.68
C GLY B 180 -8.47 9.09 29.58
N ALA B 181 -7.90 8.78 28.42
CA ALA B 181 -7.28 7.47 28.20
C ALA B 181 -5.91 7.63 27.57
N THR B 182 -5.06 6.61 27.74
CA THR B 182 -3.80 6.56 27.01
C THR B 182 -4.09 5.97 25.63
N LEU B 183 -3.15 6.17 24.70
CA LEU B 183 -3.27 5.56 23.39
C LEU B 183 -2.71 4.13 23.43
N ASN B 184 -3.61 3.17 23.51
CA ASN B 184 -3.25 1.76 23.67
C ASN B 184 -3.38 1.04 22.33
N LEU B 185 -2.24 0.73 21.72
CA LEU B 185 -2.24 0.15 20.37
C LEU B 185 -2.55 -1.35 20.37
N TRP B 186 -2.76 -1.92 21.55
CA TRP B 186 -3.19 -3.31 21.68
C TRP B 186 -4.70 -3.44 21.86
N ALA B 187 -5.38 -2.30 22.05
CA ALA B 187 -6.83 -2.31 22.20
C ALA B 187 -7.53 -2.83 20.95
N VAL B 188 -8.52 -3.71 21.13
CA VAL B 188 -9.33 -4.18 20.03
C VAL B 188 -10.57 -3.30 19.95
N PRO B 189 -10.85 -2.74 18.76
CA PRO B 189 -12.08 -1.93 18.64
C PRO B 189 -13.32 -2.75 18.99
N ASN B 190 -14.31 -2.10 19.57
CA ASN B 190 -15.62 -2.70 19.68
C ASN B 190 -16.38 -2.41 18.39
N TYR B 191 -16.34 -3.35 17.46
CA TYR B 191 -16.89 -3.14 16.13
C TYR B 191 -18.41 -3.16 16.11
N GLY B 192 -19.01 -3.73 17.16
CA GLY B 192 -20.45 -3.85 17.25
C GLY B 192 -20.94 -5.27 17.10
N SER B 193 -22.04 -5.58 17.76
CA SER B 193 -22.63 -6.91 17.69
C SER B 193 -23.97 -6.79 16.98
N ASN B 194 -24.36 -7.85 16.29
CA ASN B 194 -25.63 -7.85 15.56
C ASN B 194 -26.42 -9.09 15.93
N LEU B 195 -27.20 -8.98 17.00
CA LEU B 195 -28.01 -10.10 17.49
C LEU B 195 -27.23 -11.41 17.55
N THR B 196 -27.62 -12.43 16.76
CA THR B 196 -26.94 -13.73 16.86
C THR B 196 -25.76 -13.87 15.91
N GLN B 197 -25.51 -12.87 15.08
CA GLN B 197 -24.48 -13.02 14.06
C GLN B 197 -23.09 -13.09 14.67
N ALA B 198 -22.22 -13.91 14.07
CA ALA B 198 -20.85 -14.06 14.56
C ALA B 198 -20.08 -12.75 14.49
N SER B 199 -19.15 -12.57 15.44
CA SER B 199 -18.32 -11.36 15.48
C SER B 199 -17.42 -11.26 14.25
N GLN B 200 -16.96 -12.41 13.76
CA GLN B 200 -16.01 -12.49 12.65
C GLN B 200 -14.60 -12.02 13.03
N LEU B 201 -14.36 -11.81 14.32
CA LEU B 201 -13.04 -11.35 14.76
C LEU B 201 -11.96 -12.39 14.53
N ALA B 202 -10.80 -11.95 14.05
CA ALA B 202 -9.62 -12.80 14.09
C ALA B 202 -9.34 -13.09 15.56
N PRO B 203 -8.93 -14.32 15.88
CA PRO B 203 -8.82 -14.70 17.30
C PRO B 203 -7.63 -14.06 18.03
N PRO B 204 -7.70 -14.03 19.38
CA PRO B 204 -6.52 -13.59 20.13
C PRO B 204 -5.36 -14.57 19.94
N ILE B 205 -4.14 -14.07 20.07
CA ILE B 205 -2.96 -14.92 20.04
C ILE B 205 -2.38 -14.93 21.45
N TYR B 206 -2.36 -16.10 22.06
CA TYR B 206 -1.83 -16.21 23.40
C TYR B 206 -0.33 -16.50 23.36
N PRO B 207 0.44 -15.70 24.12
CA PRO B 207 1.89 -15.92 24.20
C PRO B 207 2.23 -17.35 24.56
N PRO B 208 3.25 -17.91 23.89
CA PRO B 208 3.67 -19.30 24.03
C PRO B 208 4.32 -19.59 25.39
N GLY B 209 4.96 -18.59 25.98
CA GLY B 209 5.66 -18.81 27.24
C GLY B 209 6.88 -19.68 27.04
N PHE B 210 7.42 -20.20 28.15
CA PHE B 210 8.60 -21.06 28.12
C PHE B 210 9.77 -20.44 27.36
N GLY B 211 9.99 -19.15 27.59
CA GLY B 211 11.11 -18.45 27.00
C GLY B 211 10.81 -17.80 25.66
N GLU B 212 9.74 -18.24 24.99
CA GLU B 212 9.38 -17.63 23.72
C GLU B 212 8.58 -16.35 23.93
N ALA B 213 8.69 -15.44 22.97
CA ALA B 213 7.94 -14.19 22.98
C ALA B 213 7.46 -13.90 21.57
N ILE B 214 6.24 -13.38 21.45
CA ILE B 214 5.72 -12.97 20.15
C ILE B 214 6.57 -11.84 19.58
N VAL B 215 6.89 -11.93 18.30
CA VAL B 215 7.63 -10.87 17.62
C VAL B 215 6.66 -9.89 16.97
N TYR B 216 6.86 -8.62 17.23
CA TYR B 216 6.08 -7.56 16.59
C TYR B 216 6.96 -6.81 15.60
N PHE B 217 6.42 -6.55 14.43
CA PHE B 217 7.05 -5.71 13.43
C PHE B 217 6.52 -4.30 13.62
N THR B 218 7.42 -3.34 13.70
CA THR B 218 7.04 -1.98 14.07
C THR B 218 7.28 -0.99 12.95
N SER B 219 6.48 0.09 12.95
CA SER B 219 6.70 1.23 12.08
C SER B 219 6.54 2.51 12.89
N THR B 220 7.43 3.47 12.66
CA THR B 220 7.22 4.80 13.18
C THR B 220 6.05 5.43 12.42
N PHE B 221 5.09 5.97 13.17
CA PHE B 221 3.84 6.46 12.60
C PHE B 221 3.27 7.46 13.57
N PRO B 222 2.49 8.43 13.07
CA PRO B 222 1.92 9.45 13.96
C PRO B 222 0.71 8.97 14.78
N THR B 223 0.93 7.91 15.54
CA THR B 223 0.07 7.60 16.68
C THR B 223 0.61 8.46 17.82
N VAL B 224 0.06 9.65 17.94
CA VAL B 224 0.64 10.67 18.82
C VAL B 224 0.53 10.25 20.28
N SER B 225 1.68 10.33 20.98
CA SER B 225 1.88 9.87 22.37
C SER B 225 2.39 8.43 22.42
N ASN B 226 2.42 7.77 21.26
CA ASN B 226 2.89 6.40 21.19
C ASN B 226 3.22 6.04 19.74
N PRO B 227 4.26 6.70 19.17
CA PRO B 227 4.46 6.73 17.71
C PRO B 227 5.20 5.52 17.14
N LYS B 228 4.83 4.34 17.62
CA LYS B 228 5.41 3.09 17.13
C LYS B 228 4.31 2.05 17.04
N VAL B 229 3.92 1.71 15.81
CA VAL B 229 2.79 0.81 15.60
C VAL B 229 3.26 -0.63 15.45
N PRO B 230 2.84 -1.52 16.37
CA PRO B 230 3.21 -2.93 16.28
C PRO B 230 2.21 -3.74 15.46
N CYS B 231 2.70 -4.72 14.71
CA CYS B 231 1.82 -5.68 14.03
C CYS B 231 2.42 -7.08 14.10
N THR B 232 1.63 -8.10 13.83
CA THR B 232 2.11 -9.47 13.97
C THR B 232 2.65 -10.12 12.69
N LEU B 233 2.42 -9.47 11.54
CA LEU B 233 3.01 -9.92 10.27
C LEU B 233 3.21 -8.75 9.33
N PRO B 234 4.30 -8.76 8.57
CA PRO B 234 4.40 -7.77 7.47
C PRO B 234 3.31 -8.03 6.43
N GLN B 235 2.82 -6.97 5.80
CA GLN B 235 1.73 -7.13 4.86
C GLN B 235 2.10 -8.08 3.73
N GLU B 236 3.33 -7.99 3.24
CA GLU B 236 3.74 -8.80 2.11
C GLU B 236 3.83 -10.30 2.45
N PHE B 237 3.97 -10.64 3.73
CA PHE B 237 3.82 -12.04 4.14
C PHE B 237 2.38 -12.48 3.88
N VAL B 238 1.41 -11.60 4.17
CA VAL B 238 0.01 -11.94 3.98
C VAL B 238 -0.28 -12.27 2.53
N SER B 239 0.09 -11.38 1.61
CA SER B 239 -0.18 -11.61 0.20
C SER B 239 0.60 -12.82 -0.31
N HIS B 240 1.80 -13.02 0.23
CA HIS B 240 2.60 -14.19 -0.14
C HIS B 240 1.85 -15.48 0.20
N PHE B 241 1.34 -15.58 1.43
CA PHE B 241 0.65 -16.81 1.83
C PHE B 241 -0.66 -17.00 1.07
N VAL B 242 -1.38 -15.90 0.82
CA VAL B 242 -2.61 -15.98 0.04
C VAL B 242 -2.29 -16.48 -1.37
N ASN B 243 -1.20 -15.98 -1.93
CA ASN B 243 -0.77 -16.40 -3.26
C ASN B 243 -0.39 -17.89 -3.32
N GLU B 244 0.40 -18.34 -2.34
CA GLU B 244 0.95 -19.68 -2.37
C GLU B 244 -0.03 -20.77 -1.98
N GLN B 245 -0.85 -20.51 -0.96
CA GLN B 245 -1.77 -21.52 -0.45
C GLN B 245 -1.02 -22.82 -0.17
N ALA B 246 0.16 -22.71 0.40
CA ALA B 246 1.00 -23.89 0.67
C ALA B 246 0.44 -24.67 1.84
N PRO B 247 0.22 -25.98 1.67
CA PRO B 247 -0.27 -26.76 2.81
C PRO B 247 0.67 -26.67 4.01
N THR B 248 0.08 -26.54 5.19
CA THR B 248 0.85 -26.47 6.44
C THR B 248 1.19 -27.89 6.89
N ARG B 249 2.47 -28.25 6.79
CA ARG B 249 2.89 -29.64 6.97
C ARG B 249 3.52 -29.94 8.33
N GLY B 250 3.56 -28.95 9.20
CA GLY B 250 4.07 -29.14 10.54
C GLY B 250 3.38 -28.17 11.50
N ASP B 251 3.67 -28.32 12.78
CA ASP B 251 3.03 -27.47 13.77
C ASP B 251 3.70 -26.10 13.90
N ALA B 252 4.89 -25.98 13.33
CA ALA B 252 5.58 -24.70 13.28
C ALA B 252 6.60 -24.67 12.16
N ALA B 253 6.89 -23.46 11.68
CA ALA B 253 7.88 -23.26 10.63
C ALA B 253 9.12 -22.58 11.21
N LEU B 254 10.27 -23.23 11.05
CA LEU B 254 11.53 -22.66 11.49
C LEU B 254 12.04 -21.70 10.42
N LEU B 255 12.29 -20.45 10.83
CA LEU B 255 12.85 -19.44 9.93
C LEU B 255 14.23 -19.01 10.40
N HIS B 256 15.08 -18.67 9.44
CA HIS B 256 16.29 -17.91 9.73
C HIS B 256 16.13 -16.49 9.24
N TYR B 257 16.67 -15.54 9.98
CA TYR B 257 16.72 -14.14 9.56
C TYR B 257 18.15 -13.86 9.13
N VAL B 258 18.35 -13.69 7.82
CA VAL B 258 19.67 -13.76 7.21
C VAL B 258 20.18 -12.42 6.70
N ASP B 259 21.46 -12.15 6.92
CA ASP B 259 22.10 -10.97 6.37
C ASP B 259 22.04 -11.04 4.85
N PRO B 260 21.58 -9.96 4.21
CA PRO B 260 21.31 -9.93 2.77
C PRO B 260 22.60 -9.99 1.94
N ASP B 261 23.71 -9.61 2.55
CA ASP B 261 24.98 -9.55 1.85
C ASP B 261 25.84 -10.77 2.15
N THR B 262 26.05 -11.02 3.43
CA THR B 262 26.93 -12.10 3.87
C THR B 262 26.21 -13.46 3.91
N HIS B 263 24.88 -13.42 3.94
CA HIS B 263 24.09 -14.64 4.02
C HIS B 263 24.27 -15.36 5.36
N ARG B 264 24.80 -14.63 6.34
CA ARG B 264 24.95 -15.16 7.70
C ARG B 264 23.59 -15.20 8.41
N ASN B 265 23.32 -16.29 9.10
CA ASN B 265 22.13 -16.39 9.94
C ASN B 265 22.25 -15.46 11.15
N LEU B 266 21.31 -14.53 11.30
CA LEU B 266 21.36 -13.57 12.38
C LEU B 266 20.47 -13.95 13.56
N GLY B 267 19.60 -14.93 13.35
CA GLY B 267 18.71 -15.37 14.41
C GLY B 267 17.63 -16.31 13.92
N GLU B 268 17.18 -17.19 14.80
CA GLU B 268 16.13 -18.15 14.46
C GLU B 268 14.77 -17.68 14.99
N PHE B 269 13.72 -17.98 14.23
CA PHE B 269 12.36 -17.64 14.62
C PHE B 269 11.44 -18.82 14.34
N LYS B 270 10.33 -18.89 15.06
CA LYS B 270 9.30 -19.90 14.79
C LYS B 270 8.03 -19.20 14.33
N MET B 271 7.45 -19.67 13.24
CA MET B 271 6.16 -19.18 12.77
C MET B 271 5.13 -20.24 13.05
N TYR B 272 4.02 -19.85 13.65
CA TYR B 272 2.97 -20.80 13.95
C TYR B 272 1.87 -20.71 12.89
N PRO B 273 1.10 -21.79 12.72
CA PRO B 273 0.05 -21.89 11.70
C PRO B 273 -0.94 -20.73 11.74
N GLU B 274 -1.18 -20.18 12.93
CA GLU B 274 -2.10 -19.05 13.11
C GLU B 274 -1.61 -17.74 12.48
N GLY B 275 -0.36 -17.71 12.06
CA GLY B 275 0.16 -16.56 11.34
C GLY B 275 0.81 -15.52 12.23
N TYR B 276 1.75 -15.95 13.05
CA TYR B 276 2.56 -15.04 13.84
C TYR B 276 3.90 -15.72 14.10
N MET B 277 4.84 -14.95 14.62
CA MET B 277 6.21 -15.41 14.77
C MET B 277 6.65 -15.22 16.23
N THR B 278 7.50 -16.12 16.72
CA THR B 278 8.10 -15.93 18.04
C THR B 278 9.63 -16.04 17.97
N CYS B 279 10.28 -15.58 19.04
CA CYS B 279 11.71 -15.75 19.19
C CYS B 279 11.99 -16.03 20.65
N VAL B 280 13.24 -16.36 20.97
CA VAL B 280 13.65 -16.45 22.36
C VAL B 280 14.66 -15.34 22.61
N PRO B 281 14.22 -14.25 23.27
CA PRO B 281 15.10 -13.11 23.55
C PRO B 281 16.28 -13.51 24.42
N ASN B 282 17.44 -12.93 24.14
CA ASN B 282 18.67 -13.29 24.86
C ASN B 282 19.37 -12.11 25.54
N ALA B 283 20.66 -12.27 25.83
CA ALA B 283 21.44 -11.26 26.54
C ALA B 283 21.36 -9.90 25.87
N GLY B 284 22.03 -9.78 24.73
CA GLY B 284 21.81 -8.63 23.87
C GLY B 284 20.31 -8.59 23.64
N GLY B 285 19.72 -7.42 23.79
CA GLY B 285 18.27 -7.28 23.64
C GLY B 285 17.73 -8.19 22.56
N GLY B 286 16.45 -8.59 22.70
CA GLY B 286 15.82 -9.47 21.73
C GLY B 286 15.98 -9.01 20.29
N PRO B 287 14.95 -9.26 19.46
CA PRO B 287 15.03 -8.97 18.03
C PRO B 287 15.20 -7.48 17.73
N GLN B 288 14.94 -6.63 18.72
CA GLN B 288 15.04 -5.19 18.53
C GLN B 288 16.46 -4.75 18.20
N THR B 289 17.44 -5.56 18.57
CA THR B 289 18.84 -5.22 18.36
C THR B 289 19.36 -5.71 17.01
N LEU B 290 18.53 -6.45 16.28
CA LEU B 290 18.94 -6.98 14.98
C LEU B 290 18.88 -5.89 13.91
N PRO B 291 19.76 -6.01 12.90
CA PRO B 291 19.63 -5.12 11.74
C PRO B 291 18.25 -5.32 11.12
N ILE B 292 17.72 -4.28 10.50
CA ILE B 292 16.35 -4.36 9.97
C ILE B 292 16.30 -4.69 8.48
N ASN B 293 17.47 -4.93 7.87
CA ASN B 293 17.54 -5.20 6.44
C ASN B 293 17.77 -6.67 6.10
N GLY B 294 17.50 -7.55 7.06
CA GLY B 294 17.64 -8.97 6.87
C GLY B 294 16.49 -9.57 6.09
N VAL B 295 16.68 -10.82 5.67
CA VAL B 295 15.68 -11.54 4.91
C VAL B 295 15.28 -12.81 5.66
N PHE B 296 13.98 -13.03 5.83
CA PHE B 296 13.53 -14.25 6.47
C PHE B 296 13.54 -15.38 5.46
N VAL B 297 14.01 -16.55 5.90
CA VAL B 297 14.08 -17.71 5.03
C VAL B 297 13.51 -18.93 5.75
N PHE B 298 12.57 -19.61 5.12
CA PHE B 298 12.01 -20.85 5.62
C PHE B 298 13.05 -21.97 5.55
N ILE B 299 13.31 -22.60 6.69
CA ILE B 299 14.29 -23.68 6.78
C ILE B 299 13.60 -25.03 6.77
N SER B 300 12.64 -25.21 7.66
CA SER B 300 12.00 -26.51 7.81
C SER B 300 10.73 -26.46 8.65
N TRP B 301 9.86 -27.43 8.43
CA TRP B 301 8.76 -27.66 9.36
C TRP B 301 9.33 -28.33 10.60
N VAL B 302 8.94 -27.83 11.77
CA VAL B 302 9.39 -28.39 13.03
C VAL B 302 8.22 -28.57 14.00
N SER B 303 8.50 -29.27 15.09
CA SER B 303 7.54 -29.46 16.15
C SER B 303 7.17 -28.12 16.81
N ARG B 304 5.97 -28.04 17.36
CA ARG B 304 5.57 -26.83 18.08
C ARG B 304 6.47 -26.66 19.30
N TYR B 305 7.16 -27.74 19.67
CA TYR B 305 8.01 -27.74 20.86
C TYR B 305 9.48 -27.51 20.54
N TYR B 306 9.76 -27.23 19.26
CA TYR B 306 11.13 -26.97 18.83
C TYR B 306 11.77 -25.89 19.69
N GLN B 307 12.99 -26.17 20.15
CA GLN B 307 13.70 -25.26 21.05
C GLN B 307 14.58 -24.28 20.30
N LEU B 308 14.22 -22.99 20.37
CA LEU B 308 15.02 -21.93 19.80
C LEU B 308 16.20 -21.61 20.71
#